data_2P8G
#
_entry.id   2P8G
#
_cell.length_a   117.475
_cell.length_b   117.475
_cell.length_c   117.475
_cell.angle_alpha   90.000
_cell.angle_beta   90.000
_cell.angle_gamma   90.000
#
_symmetry.space_group_name_H-M   'P 41 3 2'
#
loop_
_entity.id
_entity.type
_entity.pdbx_description
1 polymer 'Phenolic acid decarboxylase'
2 non-polymer 1,2-ETHANEDIOL
3 water water
#
_entity_poly.entity_id   1
_entity_poly.type   'polypeptide(L)'
_entity_poly.pdbx_seq_one_letter_code
;G(MSE)ENFIGSH(MSE)IYTYENGWEYEIYIKNDHTIDYRIHSG(MSE)VAGRWVRDQEVNIVKLTEGVYKVSWTEPTG
TDVSLNF(MSE)PNEKR(MSE)HGIIFFPKWVHEHPEITVCYQNDHIDL(MSE)KESREKYETYPKYVVPEFAEITFLKN
EGVDNEEVISYAPYEG(MSE)TDDIRAGRL
;
_entity_poly.pdbx_strand_id   A
#
# COMPACT_ATOMS: atom_id res chain seq x y z
N GLY A 1 6.78 -17.86 -8.88
CA GLY A 1 5.45 -17.99 -9.55
C GLY A 1 4.37 -17.26 -8.76
N GLU A 3 1.99 -18.53 -6.99
CA GLU A 3 1.92 -19.14 -5.66
C GLU A 3 2.96 -18.55 -4.72
N ASN A 4 4.10 -18.17 -5.26
CA ASN A 4 5.15 -17.58 -4.46
C ASN A 4 4.84 -16.11 -4.20
N PHE A 5 4.21 -15.44 -5.16
CA PHE A 5 3.92 -14.02 -4.96
C PHE A 5 2.84 -13.80 -3.93
N ILE A 6 1.77 -14.56 -4.03
CA ILE A 6 0.71 -14.45 -3.06
C ILE A 6 1.27 -14.87 -1.71
N GLY A 7 0.94 -14.08 -0.69
CA GLY A 7 1.48 -14.24 0.62
C GLY A 7 2.66 -13.34 0.92
N SER A 8 3.19 -12.66 -0.10
CA SER A 8 4.36 -11.80 0.09
C SER A 8 4.04 -10.65 1.01
N HIS A 9 4.91 -10.47 2.01
CA HIS A 9 4.85 -9.32 2.90
C HIS A 9 6.11 -8.53 2.60
N ILE A 11 8.36 -4.66 2.50
CA ILE A 11 8.58 -3.24 2.67
C ILE A 11 9.31 -2.80 1.44
N TYR A 12 8.93 -1.67 0.86
CA TYR A 12 9.68 -1.08 -0.21
C TYR A 12 10.01 0.36 0.17
N THR A 13 11.15 0.80 -0.32
CA THR A 13 11.77 2.02 0.12
C THR A 13 12.06 2.90 -1.08
N TYR A 14 11.53 4.11 -1.04
CA TYR A 14 11.72 5.08 -2.09
C TYR A 14 13.06 5.77 -1.93
N GLU A 15 13.47 6.49 -2.97
CA GLU A 15 14.77 7.14 -2.98
CA GLU A 15 14.78 7.14 -2.97
C GLU A 15 14.91 8.09 -1.81
N ASN A 16 13.78 8.69 -1.39
CA ASN A 16 13.79 9.62 -0.24
C ASN A 16 13.72 8.95 1.10
N GLY A 17 13.79 7.61 1.09
CA GLY A 17 13.77 6.81 2.29
C GLY A 17 12.40 6.44 2.80
N TRP A 18 11.34 6.91 2.17
CA TRP A 18 10.02 6.58 2.68
C TRP A 18 9.79 5.09 2.54
N GLU A 19 9.17 4.49 3.55
CA GLU A 19 8.93 3.07 3.61
C GLU A 19 7.47 2.77 3.57
N TYR A 20 7.05 1.98 2.59
CA TYR A 20 5.69 1.54 2.43
C TYR A 20 5.66 0.04 2.58
N GLU A 21 4.62 -0.49 3.21
CA GLU A 21 4.52 -1.92 3.52
C GLU A 21 3.24 -2.48 2.92
N ILE A 22 3.33 -3.66 2.30
CA ILE A 22 2.19 -4.27 1.70
C ILE A 22 2.20 -5.75 2.01
N TYR A 23 1.01 -6.34 2.10
CA TYR A 23 0.89 -7.75 2.30
C TYR A 23 -0.12 -8.26 1.27
N ILE A 24 0.33 -9.17 0.41
CA ILE A 24 -0.49 -9.75 -0.64
C ILE A 24 -1.19 -10.93 0.02
N LYS A 25 -2.31 -10.65 0.63
CA LYS A 25 -2.93 -11.56 1.57
C LYS A 25 -3.59 -12.73 0.87
N ASN A 26 -4.16 -12.50 -0.30
CA ASN A 26 -4.65 -13.58 -1.13
C ASN A 26 -4.70 -13.10 -2.56
N ASP A 27 -5.25 -13.89 -3.47
CA ASP A 27 -5.14 -13.55 -4.87
C ASP A 27 -6.02 -12.39 -5.29
N HIS A 28 -6.76 -11.79 -4.35
CA HIS A 28 -7.56 -10.62 -4.69
C HIS A 28 -7.62 -9.62 -3.55
N THR A 29 -6.70 -9.69 -2.60
CA THR A 29 -6.78 -8.83 -1.41
C THR A 29 -5.40 -8.43 -0.95
N ILE A 30 -5.26 -7.15 -0.55
CA ILE A 30 -4.08 -6.72 0.15
C ILE A 30 -4.46 -6.05 1.43
N ASP A 31 -3.47 -6.02 2.32
CA ASP A 31 -3.45 -5.06 3.42
C ASP A 31 -2.23 -4.19 3.17
N TYR A 32 -2.24 -2.95 3.66
CA TYR A 32 -1.04 -2.12 3.53
C TYR A 32 -0.91 -1.14 4.65
N ARG A 33 0.29 -0.59 4.79
CA ARG A 33 0.60 0.24 5.94
C ARG A 33 1.74 1.15 5.56
N ILE A 34 1.56 2.45 5.78
CA ILE A 34 2.51 3.43 5.30
CA ILE A 34 2.49 3.48 5.30
C ILE A 34 3.24 4.04 6.48
N HIS A 35 4.57 3.94 6.47
CA HIS A 35 5.37 4.33 7.60
C HIS A 35 5.99 5.71 7.55
N SER A 36 5.98 6.32 6.38
CA SER A 36 6.69 7.57 6.13
C SER A 36 5.99 8.42 5.15
N GLY A 37 6.22 9.73 5.21
CA GLY A 37 5.80 10.60 4.17
C GLY A 37 4.44 11.18 4.31
N VAL A 39 1.39 10.43 3.81
CA VAL A 39 0.30 9.73 4.52
C VAL A 39 0.82 8.69 5.49
N ALA A 40 1.96 8.98 6.09
CA ALA A 40 2.46 8.14 7.17
C ALA A 40 1.39 7.93 8.21
N GLY A 41 1.21 6.67 8.62
CA GLY A 41 0.20 6.32 9.59
C GLY A 41 -1.01 5.67 8.98
N ARG A 42 -1.22 5.86 7.69
CA ARG A 42 -2.35 5.24 7.01
C ARG A 42 -2.17 3.74 6.94
N TRP A 43 -3.24 3.00 7.18
CA TRP A 43 -3.19 1.58 6.99
C TRP A 43 -4.57 1.10 6.62
N VAL A 44 -4.59 0.00 5.86
CA VAL A 44 -5.78 -0.47 5.20
C VAL A 44 -5.76 -1.96 5.26
N ARG A 45 -6.90 -2.56 5.61
CA ARG A 45 -7.06 -4.00 5.55
C ARG A 45 -8.12 -4.39 4.54
N ASP A 46 -7.94 -5.54 3.92
CA ASP A 46 -8.99 -6.16 3.13
C ASP A 46 -9.37 -5.33 1.94
N GLN A 47 -8.35 -4.72 1.32
CA GLN A 47 -8.57 -4.02 0.08
C GLN A 47 -8.65 -4.98 -1.07
N GLU A 48 -9.76 -4.96 -1.79
CA GLU A 48 -9.91 -5.78 -2.97
CA GLU A 48 -9.92 -5.77 -2.99
C GLU A 48 -9.01 -5.24 -4.08
N VAL A 49 -8.28 -6.13 -4.74
CA VAL A 49 -7.33 -5.74 -5.77
C VAL A 49 -7.42 -6.68 -6.94
N ASN A 50 -6.93 -6.20 -8.09
CA ASN A 50 -6.62 -7.05 -9.20
C ASN A 50 -5.16 -7.39 -9.13
N ILE A 51 -4.87 -8.68 -9.12
CA ILE A 51 -3.51 -9.17 -9.15
C ILE A 51 -3.33 -10.07 -10.37
N VAL A 52 -2.40 -9.72 -11.23
CA VAL A 52 -2.07 -10.55 -12.36
C VAL A 52 -0.56 -10.74 -12.48
N LYS A 53 -0.19 -11.81 -13.13
CA LYS A 53 1.16 -12.07 -13.52
C LYS A 53 1.30 -11.61 -14.94
N LEU A 54 2.17 -10.63 -15.18
CA LEU A 54 2.33 -10.10 -16.55
C LEU A 54 3.20 -10.99 -17.39
N THR A 55 4.20 -11.56 -16.77
CA THR A 55 5.18 -12.44 -17.37
C THR A 55 6.01 -12.98 -16.23
N GLU A 56 6.93 -13.87 -16.51
CA GLU A 56 7.75 -14.43 -15.46
C GLU A 56 8.43 -13.30 -14.69
N GLY A 57 8.23 -13.32 -13.39
CA GLY A 57 8.89 -12.39 -12.51
C GLY A 57 8.26 -11.03 -12.43
N VAL A 58 7.10 -10.81 -13.03
CA VAL A 58 6.51 -9.49 -13.00
C VAL A 58 5.04 -9.59 -12.64
N TYR A 59 4.62 -8.95 -11.57
CA TYR A 59 3.27 -8.97 -11.08
C TYR A 59 2.71 -7.55 -11.08
N LYS A 60 1.39 -7.45 -11.13
CA LYS A 60 0.70 -6.18 -11.12
C LYS A 60 -0.40 -6.26 -10.11
N VAL A 61 -0.51 -5.25 -9.26
CA VAL A 61 -1.49 -5.18 -8.19
C VAL A 61 -2.12 -3.79 -8.28
N SER A 62 -3.43 -3.74 -8.51
CA SER A 62 -4.10 -2.50 -8.79
C SER A 62 -5.44 -2.43 -8.14
N TRP A 63 -5.83 -1.21 -7.76
CA TRP A 63 -7.10 -1.04 -7.06
C TRP A 63 -7.50 0.41 -7.00
N THR A 64 -8.77 0.62 -6.66
CA THR A 64 -9.27 1.95 -6.33
C THR A 64 -9.64 1.99 -4.88
N GLU A 65 -9.55 3.19 -4.31
CA GLU A 65 -9.75 3.39 -2.87
C GLU A 65 -11.01 4.15 -2.56
N PRO A 66 -11.50 4.03 -1.33
CA PRO A 66 -12.70 4.78 -0.96
C PRO A 66 -12.55 6.30 -1.06
N THR A 67 -11.29 6.77 -1.02
CA THR A 67 -11.03 8.18 -1.19
C THR A 67 -11.08 8.63 -2.61
N GLY A 68 -11.10 7.70 -3.56
CA GLY A 68 -10.98 8.01 -4.96
C GLY A 68 -9.61 7.73 -5.55
N THR A 69 -8.62 7.55 -4.73
CA THR A 69 -7.30 7.28 -5.23
C THR A 69 -7.26 5.99 -5.99
N ASP A 70 -6.56 6.01 -7.13
CA ASP A 70 -6.35 4.80 -7.91
C ASP A 70 -4.89 4.44 -7.85
N VAL A 71 -4.60 3.14 -7.77
CA VAL A 71 -3.22 2.70 -7.61
C VAL A 71 -2.92 1.54 -8.55
N SER A 72 -1.80 1.59 -9.25
CA SER A 72 -1.36 0.43 -10.00
C SER A 72 0.11 0.20 -9.75
N LEU A 73 0.40 -0.93 -9.11
CA LEU A 73 1.76 -1.28 -8.72
C LEU A 73 2.24 -2.45 -9.54
N ASN A 74 3.52 -2.47 -9.82
CA ASN A 74 4.16 -3.65 -10.38
C ASN A 74 5.25 -4.08 -9.47
N PHE A 75 5.38 -5.39 -9.26
CA PHE A 75 6.47 -5.94 -8.47
C PHE A 75 7.28 -6.85 -9.31
N PRO A 77 9.91 -9.31 -8.18
CA PRO A 77 10.52 -9.85 -6.97
C PRO A 77 11.96 -10.27 -7.13
N ASN A 78 12.29 -10.82 -8.28
CA ASN A 78 13.64 -11.32 -8.47
C ASN A 78 14.65 -10.19 -8.57
N GLU A 79 14.22 -9.01 -8.98
CA GLU A 79 15.07 -7.83 -9.10
C GLU A 79 14.91 -6.90 -7.91
N LYS A 80 14.06 -7.29 -6.95
CA LYS A 80 13.87 -6.52 -5.74
C LYS A 80 13.52 -5.09 -6.07
N ARG A 81 12.61 -4.91 -6.99
CA ARG A 81 12.17 -3.58 -7.37
CA ARG A 81 12.18 -3.58 -7.41
C ARG A 81 10.69 -3.57 -7.63
N HIS A 83 7.44 -0.74 -9.16
CA HIS A 83 7.05 0.54 -9.68
C HIS A 83 5.63 0.78 -9.30
N GLY A 84 5.30 1.98 -8.91
CA GLY A 84 3.91 2.31 -8.66
C GLY A 84 3.53 3.60 -9.33
N ILE A 85 2.28 3.68 -9.75
CA ILE A 85 1.67 4.95 -10.02
C ILE A 85 0.45 5.09 -9.19
N ILE A 86 0.34 6.26 -8.55
CA ILE A 86 -0.79 6.59 -7.71
C ILE A 86 -1.43 7.83 -8.28
N PHE A 87 -2.73 7.76 -8.49
CA PHE A 87 -3.52 8.87 -8.99
C PHE A 87 -4.35 9.39 -7.85
N PHE A 88 -3.88 10.45 -7.21
CA PHE A 88 -4.59 10.99 -6.07
C PHE A 88 -5.57 12.08 -6.51
N PRO A 89 -6.80 12.05 -6.01
CA PRO A 89 -7.62 13.23 -6.12
C PRO A 89 -6.89 14.40 -5.49
N LYS A 90 -7.13 15.59 -6.01
CA LYS A 90 -6.50 16.76 -5.47
C LYS A 90 -6.67 16.82 -3.96
N TRP A 91 -7.87 16.50 -3.48
CA TRP A 91 -8.13 16.69 -2.06
C TRP A 91 -7.24 15.81 -1.22
N VAL A 92 -6.81 14.65 -1.71
CA VAL A 92 -5.94 13.81 -0.88
C VAL A 92 -4.59 14.44 -0.76
N HIS A 93 -4.11 15.08 -1.82
CA HIS A 93 -2.86 15.79 -1.76
C HIS A 93 -2.95 17.00 -0.84
N GLU A 94 -4.09 17.67 -0.83
CA GLU A 94 -4.24 18.89 -0.02
C GLU A 94 -4.65 18.61 1.41
N HIS A 95 -5.26 17.47 1.67
CA HIS A 95 -5.76 17.09 2.98
C HIS A 95 -5.32 15.67 3.32
N PRO A 96 -4.03 15.40 3.21
CA PRO A 96 -3.60 14.02 3.32
C PRO A 96 -3.94 13.43 4.66
N GLU A 97 -3.93 14.23 5.72
CA GLU A 97 -4.15 13.65 7.05
C GLU A 97 -5.53 13.07 7.22
N ILE A 98 -6.50 13.51 6.44
CA ILE A 98 -7.81 12.87 6.52
C ILE A 98 -7.65 11.38 6.25
N THR A 99 -6.74 11.04 5.35
CA THR A 99 -6.56 9.67 4.94
C THR A 99 -5.66 8.89 5.86
N VAL A 100 -5.08 9.55 6.85
CA VAL A 100 -4.16 8.90 7.77
C VAL A 100 -4.99 8.39 8.91
N CYS A 101 -5.33 7.11 8.83
CA CYS A 101 -6.15 6.42 9.80
C CYS A 101 -6.20 4.97 9.36
N TYR A 102 -6.85 4.16 10.19
CA TYR A 102 -7.25 2.82 9.78
C TYR A 102 -8.47 3.04 8.94
N GLN A 103 -8.28 3.00 7.62
CA GLN A 103 -9.35 3.45 6.73
C GLN A 103 -10.63 2.68 6.94
N ASN A 104 -10.51 1.40 7.27
CA ASN A 104 -11.67 0.56 7.38
C ASN A 104 -12.70 1.07 8.35
N ASP A 105 -12.25 1.82 9.35
CA ASP A 105 -13.17 2.33 10.36
C ASP A 105 -13.60 3.78 10.10
N HIS A 106 -13.24 4.31 8.94
CA HIS A 106 -13.52 5.70 8.58
C HIS A 106 -13.95 5.83 7.15
N ILE A 107 -14.68 4.84 6.65
CA ILE A 107 -15.14 4.88 5.27
C ILE A 107 -16.06 6.06 5.07
N ASP A 108 -16.93 6.33 6.03
CA ASP A 108 -17.87 7.43 5.85
C ASP A 108 -17.13 8.75 5.73
N LEU A 109 -16.03 8.92 6.43
CA LEU A 109 -15.24 10.15 6.34
C LEU A 109 -14.58 10.23 4.99
N LYS A 111 -15.74 9.03 2.24
CA LYS A 111 -16.79 9.34 1.29
C LYS A 111 -17.28 10.76 1.44
N GLU A 112 -17.38 11.25 2.64
CA GLU A 112 -17.77 12.65 2.84
CA GLU A 112 -17.77 12.65 2.84
C GLU A 112 -16.72 13.55 2.19
N SER A 113 -15.45 13.24 2.42
CA SER A 113 -14.38 14.09 1.95
C SER A 113 -14.29 14.09 0.44
N ARG A 114 -14.49 12.94 -0.19
CA ARG A 114 -14.32 12.87 -1.65
C ARG A 114 -15.40 13.64 -2.37
N GLU A 115 -16.51 13.89 -1.67
CA GLU A 115 -17.60 14.69 -2.23
C GLU A 115 -17.48 16.16 -1.84
N LYS A 116 -16.93 16.45 -0.69
CA LYS A 116 -16.80 17.82 -0.16
C LYS A 116 -15.73 18.63 -0.86
N TYR A 117 -14.62 17.99 -1.17
CA TYR A 117 -13.45 18.68 -1.65
C TYR A 117 -13.26 18.42 -3.13
N GLU A 118 -12.34 19.16 -3.73
CA GLU A 118 -12.09 19.07 -5.16
C GLU A 118 -11.30 17.83 -5.52
N THR A 119 -11.62 17.26 -6.68
CA THR A 119 -10.92 16.09 -7.20
C THR A 119 -9.82 16.45 -8.20
N TYR A 120 -10.01 17.53 -8.94
CA TYR A 120 -9.17 17.83 -10.07
C TYR A 120 -8.49 19.18 -9.91
N PRO A 121 -7.28 19.32 -10.48
CA PRO A 121 -6.51 18.30 -11.17
C PRO A 121 -5.93 17.30 -10.20
N LYS A 122 -5.77 16.06 -10.62
CA LYS A 122 -5.21 15.04 -9.80
C LYS A 122 -3.73 15.25 -9.59
N TYR A 123 -3.23 14.67 -8.51
CA TYR A 123 -1.82 14.64 -8.20
C TYR A 123 -1.37 13.22 -8.49
N VAL A 124 -0.54 13.06 -9.51
CA VAL A 124 -0.20 11.75 -10.02
C VAL A 124 1.28 11.52 -9.78
N VAL A 125 1.58 10.41 -9.11
CA VAL A 125 2.94 10.13 -8.66
C VAL A 125 3.38 8.75 -9.16
N PRO A 126 4.21 8.72 -10.19
CA PRO A 126 4.83 7.47 -10.64
C PRO A 126 6.24 7.38 -10.06
N GLU A 127 6.60 6.25 -9.47
CA GLU A 127 7.93 6.13 -8.94
C GLU A 127 8.29 4.69 -8.72
N PHE A 128 9.57 4.38 -8.98
CA PHE A 128 10.12 3.12 -8.57
C PHE A 128 10.48 3.15 -7.09
N ALA A 129 10.60 1.95 -6.52
CA ALA A 129 11.16 1.76 -5.18
C ALA A 129 11.87 0.45 -5.09
N GLU A 130 12.77 0.36 -4.14
CA GLU A 130 13.51 -0.86 -3.91
C GLU A 130 12.74 -1.72 -2.93
N ILE A 131 12.61 -3.03 -3.20
CA ILE A 131 12.01 -3.93 -2.23
C ILE A 131 13.07 -4.28 -1.25
N THR A 132 12.90 -3.82 0.00
CA THR A 132 13.94 -3.92 1.01
C THR A 132 13.59 -4.88 2.11
N PHE A 133 12.44 -5.52 2.03
CA PHE A 133 12.07 -6.59 2.91
C PHE A 133 11.07 -7.45 2.21
N LEU A 134 11.26 -8.76 2.32
CA LEU A 134 10.31 -9.70 1.78
C LEU A 134 10.27 -10.95 2.63
N LYS A 135 9.07 -11.34 3.05
CA LYS A 135 8.86 -12.63 3.70
C LYS A 135 7.50 -13.12 3.29
N ASN A 136 7.36 -14.39 2.98
CA ASN A 136 6.04 -14.92 2.70
C ASN A 136 5.40 -15.30 4.00
N GLU A 137 4.26 -14.70 4.26
CA GLU A 137 3.53 -14.88 5.50
C GLU A 137 2.34 -15.81 5.34
N GLY A 138 2.29 -16.51 4.22
CA GLY A 138 1.12 -17.35 3.94
C GLY A 138 -0.06 -16.55 3.47
N VAL A 139 -1.16 -17.26 3.21
CA VAL A 139 -2.39 -16.70 2.73
C VAL A 139 -3.32 -16.43 3.88
N ASP A 140 -4.00 -15.30 3.85
CA ASP A 140 -5.02 -14.97 4.83
C ASP A 140 -4.49 -14.96 6.25
N ASN A 141 -3.28 -14.45 6.41
CA ASN A 141 -2.68 -14.27 7.73
C ASN A 141 -3.13 -12.93 8.24
N GLU A 142 -4.07 -12.94 9.16
CA GLU A 142 -4.72 -11.72 9.60
C GLU A 142 -3.91 -10.94 10.59
N GLU A 143 -2.76 -11.47 10.98
CA GLU A 143 -1.94 -10.79 11.96
C GLU A 143 -0.88 -9.91 11.35
N VAL A 144 -0.65 -9.99 10.04
CA VAL A 144 0.47 -9.30 9.44
C VAL A 144 0.35 -7.80 9.57
N ILE A 145 -0.81 -7.26 9.16
CA ILE A 145 -1.06 -5.85 9.25
C ILE A 145 -2.34 -5.65 10.03
N SER A 146 -2.20 -5.45 11.35
CA SER A 146 -3.35 -5.48 12.23
C SER A 146 -3.37 -4.34 13.22
N TYR A 147 -2.48 -3.37 13.07
CA TYR A 147 -2.49 -2.17 13.88
C TYR A 147 -1.68 -1.10 13.15
N ALA A 148 -1.71 0.12 13.67
CA ALA A 148 -1.10 1.23 13.00
C ALA A 148 0.41 1.16 13.08
N PRO A 149 1.12 1.84 12.20
CA PRO A 149 2.54 1.93 12.35
C PRO A 149 2.94 2.68 13.60
N TYR A 150 4.06 2.31 14.21
CA TYR A 150 4.59 2.98 15.36
C TYR A 150 6.09 3.18 15.14
N GLU A 151 6.69 3.95 16.03
CA GLU A 151 8.09 4.36 15.91
C GLU A 151 8.97 3.12 15.89
N GLY A 152 9.74 2.97 14.82
CA GLY A 152 10.71 1.90 14.75
C GLY A 152 10.12 0.61 14.26
N THR A 154 9.37 -0.58 11.35
CA THR A 154 9.98 -1.29 10.23
C THR A 154 11.25 -2.05 10.65
N ASP A 155 11.98 -1.52 11.61
CA ASP A 155 13.14 -2.24 12.14
C ASP A 155 12.65 -3.53 12.80
N ASP A 156 11.55 -3.43 13.55
CA ASP A 156 11.01 -4.61 14.21
C ASP A 156 10.50 -5.67 13.24
N ILE A 157 9.92 -5.25 12.11
CA ILE A 157 9.49 -6.17 11.09
C ILE A 157 10.71 -6.84 10.48
N ARG A 158 11.71 -6.07 10.12
CA ARG A 158 12.88 -6.70 9.50
CA ARG A 158 12.96 -6.61 9.53
C ARG A 158 13.63 -7.61 10.46
N ALA A 159 13.57 -7.32 11.75
CA ALA A 159 14.24 -8.15 12.77
C ALA A 159 13.47 -9.40 13.07
N GLY A 160 12.23 -9.48 12.65
CA GLY A 160 11.39 -10.65 12.91
C GLY A 160 11.04 -10.77 14.37
N ARG A 161 10.97 -9.63 15.07
CA ARG A 161 10.75 -9.71 16.50
C ARG A 161 9.28 -9.59 16.90
N LEU A 162 8.38 -9.45 15.94
CA LEU A 162 6.98 -9.23 16.27
C LEU A 162 6.20 -10.53 16.32
#